data_1A6C
#
_entry.id   1A6C
#
_cell.length_a   407.060
_cell.length_b   399.680
_cell.length_c   285.970
_cell.angle_alpha   90.00
_cell.angle_beta   129.10
_cell.angle_gamma   90.00
#
_symmetry.space_group_name_H-M   'C 1 2 1'
#
_entity_poly.entity_id   1
_entity_poly.type   'polypeptide(L)'
_entity_poly.pdbx_seq_one_letter_code
;AVTVVPDPTCCGTLSFKVPKDAKKGKHLGTFDIRQAIMDYGGLHSQEWCAKGIVNPTFTVRMHAPRNAFAGLSIACTFDD
YKRIDLPALGNECPPSEMFELPTKVFMLKDADVHEWQFNYGELTGHGLCNWANVATQPTLYFFVASTNQVTMAADWQCIV
TMHVDMGPVIDRFELNPTMTWPIQLGDTFAIDRYYEAKEIKLDGSTSMLSISYNFGGPVKHSKKHAISYSRAVMSRNLGW
SGTISGSVKSVSSLFCTASFVIFPWECEAPPTLRQVLWGPHQIMHGDGQFEIAIKTRLHSAATTEEGFGRLGILPLSGPI
APDAHVGSYEFIVHINTWRPDSQVHPPMFSSSELYNWFTLTNLKPDANTGVVNFDIPGYIHDFASKDATVTLASNPLSWL
VAATGWHYGEVDLCISWSRSKQAQAQEGSVSITTNYRDWGAYWQGQARIYDLRRTEAEIPIFLGSYAGATPSGALGKQNY
VRISIVNAKDIVALRVCLRPKSIKFWGRSATLF
;
_entity_poly.pdbx_strand_id   A
#
# COMPACT_ATOMS: atom_id res chain seq x y z
N ALA A 1 38.88 -11.40 -26.42
CA ALA A 1 38.49 -10.16 -25.70
C ALA A 1 37.20 -9.59 -26.27
N VAL A 2 36.58 -10.32 -27.20
CA VAL A 2 35.35 -9.88 -27.86
C VAL A 2 34.38 -9.27 -26.85
N THR A 3 33.95 -8.04 -27.15
CA THR A 3 33.02 -7.32 -26.29
C THR A 3 31.57 -7.58 -26.65
N VAL A 4 31.27 -7.71 -27.94
CA VAL A 4 29.90 -7.99 -28.33
C VAL A 4 29.65 -9.45 -27.94
N VAL A 5 28.85 -9.63 -26.90
CA VAL A 5 28.55 -10.95 -26.35
C VAL A 5 27.05 -11.03 -26.10
N PRO A 6 26.49 -12.24 -26.04
CA PRO A 6 25.05 -12.33 -25.78
C PRO A 6 24.75 -12.05 -24.30
N ASP A 7 23.48 -11.80 -23.95
CA ASP A 7 23.11 -11.53 -22.56
C ASP A 7 22.04 -12.49 -22.05
N PRO A 8 22.47 -13.63 -21.50
CA PRO A 8 21.62 -14.69 -20.97
C PRO A 8 20.71 -14.30 -19.82
N THR A 9 21.06 -13.23 -19.11
CA THR A 9 20.26 -12.82 -17.98
C THR A 9 19.02 -12.09 -18.44
N CYS A 10 19.02 -11.60 -19.68
CA CYS A 10 17.87 -10.88 -20.21
C CYS A 10 16.64 -11.77 -20.14
N CYS A 11 15.53 -11.15 -19.79
CA CYS A 11 14.29 -11.86 -19.61
C CYS A 11 13.23 -11.50 -20.61
N GLY A 12 13.04 -10.19 -20.82
CA GLY A 12 12.04 -9.71 -21.76
C GLY A 12 12.35 -8.27 -22.13
N THR A 13 11.47 -7.61 -22.87
CA THR A 13 11.68 -6.23 -23.28
C THR A 13 10.40 -5.43 -23.38
N LEU A 14 10.54 -4.11 -23.51
CA LEU A 14 9.41 -3.19 -23.63
C LEU A 14 9.98 -1.89 -24.15
N SER A 15 9.16 -1.14 -24.87
CA SER A 15 9.60 0.15 -25.38
C SER A 15 8.40 1.05 -25.47
N PHE A 16 8.61 2.34 -25.20
CA PHE A 16 7.55 3.33 -25.24
C PHE A 16 8.06 4.69 -25.66
N LYS A 17 7.21 5.45 -26.34
CA LYS A 17 7.58 6.77 -26.80
C LYS A 17 7.25 7.75 -25.70
N VAL A 18 8.24 8.51 -25.27
CA VAL A 18 8.01 9.52 -24.26
C VAL A 18 7.69 10.77 -25.07
N PRO A 19 6.53 11.36 -24.85
CA PRO A 19 6.17 12.56 -25.60
C PRO A 19 7.07 13.73 -25.22
N LYS A 20 7.29 14.63 -26.17
CA LYS A 20 8.12 15.81 -25.92
C LYS A 20 7.36 16.76 -25.01
N ASP A 21 6.03 16.70 -25.07
CA ASP A 21 5.20 17.54 -24.24
C ASP A 21 4.62 16.71 -23.10
N ALA A 22 5.40 15.76 -22.59
CA ALA A 22 4.93 14.88 -21.51
C ALA A 22 4.78 15.66 -20.22
N LYS A 23 3.65 15.48 -19.56
CA LYS A 23 3.37 16.20 -18.32
C LYS A 23 3.04 15.31 -17.14
N LYS A 24 3.60 15.67 -16.00
CA LYS A 24 3.42 14.95 -14.74
C LYS A 24 2.95 13.49 -14.82
N GLY A 25 1.83 13.16 -14.19
CA GLY A 25 1.36 11.79 -14.16
C GLY A 25 1.17 10.94 -15.40
N LYS A 26 1.56 11.42 -16.58
CA LYS A 26 1.39 10.67 -17.82
C LYS A 26 1.91 9.27 -17.77
N HIS A 27 1.06 8.35 -18.18
CA HIS A 27 1.38 6.94 -18.19
C HIS A 27 2.21 6.63 -19.44
N LEU A 28 3.50 6.38 -19.26
CA LEU A 28 4.36 6.06 -20.41
C LEU A 28 4.02 4.69 -20.97
N GLY A 29 3.80 3.72 -20.08
CA GLY A 29 3.46 2.38 -20.51
C GLY A 29 3.54 1.41 -19.35
N THR A 30 3.10 0.18 -19.56
CA THR A 30 3.16 -0.84 -18.51
C THR A 30 4.15 -1.92 -18.98
N PHE A 31 4.32 -2.96 -18.19
CA PHE A 31 5.24 -4.03 -18.52
C PHE A 31 4.71 -5.25 -17.81
N ASP A 32 4.04 -6.15 -18.52
CA ASP A 32 3.53 -7.36 -17.87
C ASP A 32 4.70 -8.31 -17.72
N ILE A 33 5.17 -8.49 -16.48
CA ILE A 33 6.30 -9.37 -16.20
C ILE A 33 6.10 -10.75 -16.81
N ARG A 34 4.92 -11.33 -16.65
CA ARG A 34 4.61 -12.66 -17.18
C ARG A 34 4.70 -12.74 -18.70
N GLN A 35 3.85 -11.96 -19.35
CA GLN A 35 3.78 -11.91 -20.81
C GLN A 35 5.14 -11.68 -21.45
N ALA A 36 5.90 -10.71 -20.95
CA ALA A 36 7.22 -10.45 -21.52
C ALA A 36 8.12 -11.65 -21.33
N ILE A 37 8.19 -12.15 -20.10
CA ILE A 37 9.04 -13.30 -19.78
C ILE A 37 8.84 -14.40 -20.80
N MET A 38 7.64 -14.48 -21.38
CA MET A 38 7.37 -15.52 -22.35
C MET A 38 7.23 -15.05 -23.78
N ASP A 39 6.92 -13.79 -23.98
CA ASP A 39 6.80 -13.31 -25.34
C ASP A 39 8.22 -13.31 -25.90
N TYR A 40 9.17 -13.03 -25.00
CA TYR A 40 10.57 -13.01 -25.37
C TYR A 40 11.03 -14.45 -25.33
N GLY A 41 12.27 -14.64 -25.73
CA GLY A 41 12.89 -15.96 -25.78
C GLY A 41 12.62 -17.10 -24.83
N GLY A 42 13.05 -18.27 -25.30
CA GLY A 42 12.86 -19.47 -24.55
C GLY A 42 13.84 -19.88 -23.47
N LEU A 43 14.98 -19.23 -23.29
CA LEU A 43 15.88 -19.71 -22.23
C LEU A 43 15.18 -19.70 -20.87
N HIS A 44 14.73 -18.52 -20.45
CA HIS A 44 14.07 -18.35 -19.17
C HIS A 44 12.61 -18.75 -19.19
N SER A 45 12.03 -18.88 -20.38
CA SER A 45 10.64 -19.27 -20.51
C SER A 45 10.53 -20.77 -20.37
N GLN A 46 11.46 -21.49 -20.94
CA GLN A 46 11.41 -22.93 -20.82
C GLN A 46 11.69 -23.22 -19.36
N GLU A 47 12.71 -22.60 -18.80
CA GLU A 47 13.07 -22.78 -17.40
C GLU A 47 11.92 -22.39 -16.47
N TRP A 48 11.05 -21.51 -16.97
CA TRP A 48 9.86 -21.03 -16.25
C TRP A 48 8.97 -22.27 -16.11
N CYS A 49 8.73 -22.96 -17.23
CA CYS A 49 7.91 -24.17 -17.30
C CYS A 49 8.49 -25.36 -16.56
N ALA A 50 9.75 -25.67 -16.81
CA ALA A 50 10.44 -26.78 -16.18
C ALA A 50 10.50 -26.67 -14.66
N LYS A 51 10.93 -25.53 -14.14
CA LYS A 51 11.01 -25.35 -12.70
C LYS A 51 9.65 -25.29 -12.02
N GLY A 52 8.67 -24.73 -12.73
CA GLY A 52 7.33 -24.61 -12.19
C GLY A 52 7.17 -23.41 -11.27
N ILE A 53 7.62 -23.54 -10.03
CA ILE A 53 7.51 -22.46 -9.05
C ILE A 53 8.90 -22.07 -8.63
N VAL A 54 9.20 -20.78 -8.72
CA VAL A 54 10.51 -20.27 -8.36
C VAL A 54 10.34 -18.95 -7.60
N ASN A 55 11.45 -18.34 -7.19
CA ASN A 55 11.42 -17.07 -6.46
C ASN A 55 12.43 -16.13 -7.14
N PRO A 56 12.04 -15.58 -8.31
CA PRO A 56 12.81 -14.67 -9.15
C PRO A 56 13.25 -13.40 -8.51
N THR A 57 14.51 -13.03 -8.72
CA THR A 57 15.06 -11.79 -8.22
C THR A 57 15.29 -10.97 -9.47
N PHE A 58 14.24 -10.24 -9.85
CA PHE A 58 14.25 -9.40 -11.05
C PHE A 58 15.06 -8.13 -10.88
N THR A 59 15.58 -7.65 -12.00
CA THR A 59 16.35 -6.42 -12.04
C THR A 59 16.02 -5.82 -13.40
N VAL A 60 15.11 -4.84 -13.39
CA VAL A 60 14.65 -4.14 -14.59
C VAL A 60 15.62 -3.04 -14.96
N ARG A 61 15.79 -2.78 -16.25
CA ARG A 61 16.72 -1.76 -16.70
C ARG A 61 16.05 -0.83 -17.71
N MET A 62 15.94 0.45 -17.35
CA MET A 62 15.33 1.44 -18.22
C MET A 62 16.44 2.22 -18.92
N HIS A 63 16.66 1.92 -20.19
CA HIS A 63 17.70 2.60 -20.95
C HIS A 63 17.15 3.94 -21.42
N ALA A 64 17.75 5.01 -20.93
CA ALA A 64 17.33 6.35 -21.29
C ALA A 64 18.60 7.12 -21.11
N PRO A 65 19.10 7.75 -22.19
CA PRO A 65 20.32 8.54 -22.21
C PRO A 65 20.32 9.59 -21.10
N ARG A 66 21.49 9.79 -20.49
CA ARG A 66 21.63 10.73 -19.40
C ARG A 66 21.67 12.17 -19.87
N ASN A 67 20.53 12.73 -20.23
CA ASN A 67 20.54 14.11 -20.68
C ASN A 67 20.38 15.01 -19.46
N ALA A 68 21.36 15.87 -19.20
CA ALA A 68 21.31 16.75 -18.02
C ALA A 68 20.55 18.06 -18.18
N PHE A 69 20.01 18.30 -19.38
CA PHE A 69 19.29 19.51 -19.66
C PHE A 69 17.78 19.36 -19.77
N ALA A 70 17.30 18.12 -19.75
CA ALA A 70 15.87 17.85 -19.79
C ALA A 70 15.55 17.54 -18.35
N GLY A 71 14.72 18.37 -17.71
CA GLY A 71 14.40 18.15 -16.31
C GLY A 71 13.33 17.10 -16.11
N LEU A 72 13.63 15.88 -16.53
CA LEU A 72 12.69 14.77 -16.47
C LEU A 72 13.08 13.67 -15.50
N SER A 73 12.06 13.01 -14.95
CA SER A 73 12.23 11.90 -14.02
C SER A 73 11.12 10.91 -14.30
N ILE A 74 11.48 9.70 -14.67
CA ILE A 74 10.51 8.67 -14.96
C ILE A 74 10.49 7.72 -13.79
N ALA A 75 9.32 7.52 -13.18
CA ALA A 75 9.17 6.63 -12.03
C ALA A 75 8.60 5.29 -12.46
N CYS A 76 8.91 4.24 -11.70
CA CYS A 76 8.44 2.88 -12.00
C CYS A 76 7.67 2.35 -10.79
N THR A 77 6.55 1.66 -10.99
CA THR A 77 5.79 1.14 -9.86
C THR A 77 5.43 -0.32 -10.03
N PHE A 78 5.51 -1.09 -8.95
CA PHE A 78 5.24 -2.52 -9.02
C PHE A 78 3.92 -2.85 -8.38
N ASP A 79 2.99 -3.36 -9.18
CA ASP A 79 1.65 -3.72 -8.68
C ASP A 79 1.31 -5.16 -9.00
N ASP A 80 1.21 -5.99 -7.98
CA ASP A 80 0.88 -7.39 -8.18
C ASP A 80 -0.60 -7.68 -7.95
N TYR A 81 -1.40 -6.64 -7.68
CA TYR A 81 -2.83 -6.82 -7.42
C TYR A 81 -3.80 -5.60 -7.60
N LYS A 82 -3.59 -4.57 -6.77
CA LYS A 82 -4.42 -3.36 -6.61
C LYS A 82 -4.31 -1.94 -7.26
N ARG A 83 -4.22 -1.80 -8.59
CA ARG A 83 -4.14 -0.45 -9.20
C ARG A 83 -4.71 -0.27 -10.62
N ILE A 84 -5.98 0.14 -10.70
CA ILE A 84 -6.71 0.33 -11.96
C ILE A 84 -6.55 1.73 -12.54
N ASP A 85 -6.32 1.84 -13.85
CA ASP A 85 -6.14 3.16 -14.44
C ASP A 85 -7.42 3.95 -14.56
N LEU A 86 -8.36 3.39 -15.29
CA LEU A 86 -9.66 3.99 -15.53
C LEU A 86 -10.21 4.97 -14.46
N PRO A 87 -9.99 4.71 -13.15
CA PRO A 87 -10.45 5.58 -12.05
C PRO A 87 -9.51 6.76 -11.85
N ALA A 88 -8.23 6.47 -11.94
CA ALA A 88 -7.25 7.52 -11.83
C ALA A 88 -7.04 7.98 -13.29
N LEU A 89 -7.78 7.34 -14.20
CA LEU A 89 -7.69 7.48 -15.67
C LEU A 89 -6.46 8.11 -16.29
N GLY A 90 -5.69 7.29 -17.02
CA GLY A 90 -4.46 7.79 -17.60
C GLY A 90 -3.55 8.10 -16.41
N ASN A 91 -3.22 9.37 -16.23
CA ASN A 91 -2.37 9.85 -15.15
C ASN A 91 -2.44 9.11 -13.81
N GLU A 92 -1.58 9.54 -12.88
CA GLU A 92 -1.45 8.91 -11.57
C GLU A 92 -0.29 9.62 -10.85
N CYS A 93 -0.09 9.42 -9.56
CA CYS A 93 1.07 10.00 -8.89
C CYS A 93 1.24 9.63 -7.40
N PRO A 94 0.86 10.50 -6.42
CA PRO A 94 1.04 9.98 -5.06
C PRO A 94 0.28 8.66 -4.84
N PRO A 95 -0.95 8.51 -5.42
CA PRO A 95 -1.62 7.23 -5.20
C PRO A 95 -0.77 6.07 -5.76
N SER A 96 0.08 6.37 -6.75
CA SER A 96 0.95 5.38 -7.37
C SER A 96 2.05 5.04 -6.42
N GLU A 97 2.65 6.07 -5.85
CA GLU A 97 3.76 5.91 -4.93
C GLU A 97 3.33 4.98 -3.79
N MET A 98 2.03 4.71 -3.67
CA MET A 98 1.53 3.85 -2.61
C MET A 98 1.82 2.37 -2.80
N PHE A 99 2.79 1.99 -3.63
CA PHE A 99 3.08 0.57 -3.79
C PHE A 99 4.54 0.27 -3.62
N GLU A 100 5.22 0.21 -4.75
CA GLU A 100 6.64 -0.03 -4.80
C GLU A 100 6.94 1.07 -5.76
N LEU A 101 8.13 1.63 -5.74
CA LEU A 101 8.31 2.73 -6.64
C LEU A 101 9.69 3.28 -6.61
N PRO A 102 10.43 3.15 -7.72
CA PRO A 102 11.77 3.72 -7.74
C PRO A 102 11.60 4.86 -8.74
N THR A 103 11.88 6.06 -8.29
CA THR A 103 11.77 7.19 -9.15
C THR A 103 13.15 7.29 -9.78
N LYS A 104 13.20 7.43 -11.10
CA LYS A 104 14.45 7.51 -11.84
C LYS A 104 14.63 8.85 -12.53
N VAL A 105 15.49 9.68 -11.95
CA VAL A 105 15.79 11.00 -12.49
C VAL A 105 16.89 10.82 -13.55
N PHE A 106 16.81 11.57 -14.65
CA PHE A 106 17.78 11.47 -15.77
C PHE A 106 19.16 12.04 -15.58
N MET A 107 19.21 13.34 -15.28
CA MET A 107 20.47 14.01 -15.02
C MET A 107 21.29 13.11 -14.11
N LEU A 108 20.56 12.44 -13.21
CA LEU A 108 21.10 11.51 -12.23
C LEU A 108 21.96 10.53 -12.94
N LYS A 109 23.23 10.62 -12.61
CA LYS A 109 24.27 9.78 -13.18
C LYS A 109 23.82 8.46 -13.75
N ASP A 110 23.41 8.48 -15.02
CA ASP A 110 23.00 7.25 -15.72
C ASP A 110 22.33 7.35 -17.08
N ALA A 111 22.74 6.44 -17.95
CA ALA A 111 22.21 6.35 -19.30
C ALA A 111 21.64 4.93 -19.45
N ASP A 112 21.55 4.23 -18.33
CA ASP A 112 21.10 2.84 -18.33
C ASP A 112 20.93 2.41 -16.90
N VAL A 113 21.79 2.98 -16.05
CA VAL A 113 21.80 2.66 -14.65
C VAL A 113 20.37 2.78 -14.12
N HIS A 114 19.47 3.37 -14.90
CA HIS A 114 18.09 3.44 -14.52
C HIS A 114 17.74 1.96 -14.46
N GLU A 115 17.85 1.39 -13.28
CA GLU A 115 17.53 -0.02 -13.11
C GLU A 115 17.09 -0.25 -11.68
N TRP A 116 16.16 -1.17 -11.52
CA TRP A 116 15.59 -1.50 -10.23
C TRP A 116 15.78 -2.98 -10.02
N GLN A 117 16.18 -3.38 -8.82
CA GLN A 117 16.39 -4.78 -8.54
C GLN A 117 15.58 -5.19 -7.32
N PHE A 118 14.60 -6.06 -7.52
CA PHE A 118 13.77 -6.52 -6.42
C PHE A 118 13.54 -8.01 -6.49
N ASN A 119 13.13 -8.59 -5.37
CA ASN A 119 12.86 -10.03 -5.33
C ASN A 119 11.35 -10.26 -5.29
N TYR A 120 10.81 -10.81 -6.38
CA TYR A 120 9.40 -11.11 -6.44
C TYR A 120 9.22 -12.20 -5.42
N GLY A 121 9.03 -11.81 -4.17
CA GLY A 121 8.87 -12.79 -3.12
C GLY A 121 9.08 -12.01 -1.85
N GLU A 122 10.09 -11.17 -1.87
CA GLU A 122 10.34 -10.34 -0.72
C GLU A 122 9.22 -9.31 -0.68
N LEU A 123 8.76 -8.91 -1.87
CA LEU A 123 7.68 -7.91 -1.99
C LEU A 123 6.29 -8.51 -2.16
N THR A 124 6.21 -9.66 -2.81
CA THR A 124 4.93 -10.31 -3.05
C THR A 124 4.59 -11.39 -2.03
N GLY A 125 5.63 -11.92 -1.40
CA GLY A 125 5.50 -12.95 -0.39
C GLY A 125 4.89 -14.27 -0.80
N HIS A 126 5.01 -14.64 -2.07
CA HIS A 126 4.39 -15.89 -2.48
C HIS A 126 5.03 -16.57 -3.68
N GLY A 127 6.30 -16.31 -3.98
CA GLY A 127 6.88 -16.97 -5.12
C GLY A 127 6.08 -16.62 -6.38
N LEU A 128 6.28 -17.36 -7.46
CA LEU A 128 5.62 -17.08 -8.74
C LEU A 128 5.76 -18.33 -9.58
N CYS A 129 4.71 -18.73 -10.29
CA CYS A 129 4.79 -19.91 -11.16
C CYS A 129 4.27 -19.65 -12.55
N ASN A 130 4.69 -20.47 -13.49
CA ASN A 130 4.28 -20.34 -14.89
C ASN A 130 2.77 -20.19 -15.11
N TRP A 131 1.96 -21.08 -14.54
CA TRP A 131 0.52 -21.01 -14.73
C TRP A 131 -0.11 -19.82 -14.04
N ALA A 132 -0.63 -18.92 -14.86
CA ALA A 132 -1.26 -17.70 -14.39
C ALA A 132 -2.55 -17.91 -13.61
N ASN A 133 -2.50 -17.57 -12.32
CA ASN A 133 -3.67 -17.67 -11.47
C ASN A 133 -4.41 -16.35 -11.68
N VAL A 134 -5.38 -16.08 -10.83
CA VAL A 134 -6.16 -14.85 -10.96
C VAL A 134 -6.07 -13.90 -9.76
N ALA A 135 -5.68 -14.41 -8.60
CA ALA A 135 -5.56 -13.57 -7.41
C ALA A 135 -4.45 -12.52 -7.54
N THR A 136 -3.41 -12.82 -8.33
CA THR A 136 -2.28 -11.90 -8.51
C THR A 136 -1.79 -11.82 -9.95
N GLN A 137 -1.27 -10.65 -10.36
CA GLN A 137 -0.73 -10.44 -11.72
C GLN A 137 0.35 -9.37 -11.68
N PRO A 138 1.62 -9.76 -11.92
CA PRO A 138 2.75 -8.83 -11.90
C PRO A 138 2.90 -7.92 -13.12
N THR A 139 2.48 -6.67 -12.97
CA THR A 139 2.60 -5.67 -14.04
C THR A 139 3.30 -4.43 -13.48
N LEU A 140 4.15 -3.80 -14.29
CA LEU A 140 4.88 -2.59 -13.91
C LEU A 140 4.34 -1.37 -14.65
N TYR A 141 4.09 -0.27 -13.96
CA TYR A 141 3.60 0.94 -14.60
C TYR A 141 4.71 1.96 -14.61
N PHE A 142 5.02 2.53 -15.76
CA PHE A 142 6.05 3.56 -15.88
C PHE A 142 5.33 4.89 -16.13
N PHE A 143 5.71 5.93 -15.41
CA PHE A 143 5.04 7.23 -15.57
C PHE A 143 5.95 8.41 -15.26
N VAL A 144 5.62 9.57 -15.82
CA VAL A 144 6.41 10.77 -15.57
C VAL A 144 6.03 11.22 -14.15
N ALA A 145 7.03 11.54 -13.34
CA ALA A 145 6.80 11.98 -11.98
C ALA A 145 7.34 13.38 -11.77
N SER A 146 7.86 13.94 -12.83
CA SER A 146 8.43 15.27 -12.80
C SER A 146 7.43 16.26 -13.32
N THR A 147 7.63 17.53 -13.00
CA THR A 147 6.70 18.55 -13.43
C THR A 147 7.32 19.59 -14.35
N ASN A 148 8.44 20.15 -13.95
CA ASN A 148 9.06 21.19 -14.76
C ASN A 148 10.17 20.66 -15.68
N GLN A 149 9.78 19.88 -16.68
CA GLN A 149 10.76 19.37 -17.62
C GLN A 149 10.89 20.34 -18.79
N VAL A 150 11.71 19.99 -19.77
CA VAL A 150 11.89 20.82 -20.95
C VAL A 150 11.15 20.13 -22.08
N THR A 151 10.59 20.92 -22.99
CA THR A 151 9.90 20.32 -24.13
C THR A 151 11.05 19.85 -25.02
N MET A 152 11.16 18.54 -25.20
CA MET A 152 12.22 17.98 -26.02
C MET A 152 11.97 18.26 -27.48
N ALA A 153 13.00 18.13 -28.31
CA ALA A 153 12.85 18.40 -29.73
C ALA A 153 11.92 17.41 -30.42
N ALA A 154 11.76 16.22 -29.85
CA ALA A 154 10.89 15.21 -30.44
C ALA A 154 10.61 14.10 -29.45
N ASP A 155 9.54 13.36 -29.69
CA ASP A 155 9.13 12.25 -28.83
C ASP A 155 10.19 11.15 -28.87
N TRP A 156 11.03 11.10 -27.84
CA TRP A 156 12.10 10.11 -27.80
C TRP A 156 11.70 8.69 -27.40
N GLN A 157 12.16 7.73 -28.18
CA GLN A 157 11.91 6.31 -27.90
C GLN A 157 12.68 5.89 -26.65
N CYS A 158 12.09 5.01 -25.85
CA CYS A 158 12.72 4.54 -24.62
C CYS A 158 12.53 3.04 -24.48
N ILE A 159 13.60 2.30 -24.20
CA ILE A 159 13.54 0.85 -24.05
C ILE A 159 13.90 0.32 -22.66
N VAL A 160 13.07 -0.59 -22.18
CA VAL A 160 13.26 -1.22 -20.89
C VAL A 160 13.55 -2.71 -21.13
N THR A 161 14.62 -3.20 -20.52
CA THR A 161 15.05 -4.58 -20.66
C THR A 161 15.03 -5.19 -19.27
N MET A 162 14.40 -6.35 -19.13
CA MET A 162 14.37 -6.99 -17.82
C MET A 162 15.37 -8.15 -17.73
N HIS A 163 15.83 -8.46 -16.52
CA HIS A 163 16.78 -9.55 -16.33
C HIS A 163 16.37 -10.31 -15.06
N VAL A 164 16.44 -11.64 -15.11
CA VAL A 164 16.03 -12.49 -13.98
C VAL A 164 17.17 -13.34 -13.43
N ASP A 165 16.88 -14.05 -12.35
CA ASP A 165 17.77 -15.02 -11.73
C ASP A 165 16.75 -15.93 -11.09
N MET A 166 16.05 -16.66 -11.96
CA MET A 166 15.00 -17.60 -11.57
C MET A 166 15.24 -18.25 -10.22
N GLY A 167 16.46 -18.77 -10.03
CA GLY A 167 16.78 -19.42 -8.78
C GLY A 167 16.19 -20.81 -8.80
N PRO A 168 16.45 -21.60 -7.76
CA PRO A 168 15.92 -22.97 -7.69
C PRO A 168 14.41 -23.03 -7.51
N VAL A 169 13.85 -24.22 -7.69
CA VAL A 169 12.42 -24.42 -7.54
C VAL A 169 12.02 -24.32 -6.08
N ILE A 170 10.96 -23.59 -5.79
CA ILE A 170 10.50 -23.47 -4.42
C ILE A 170 9.40 -24.50 -4.22
N ASP A 171 9.40 -25.15 -3.07
CA ASP A 171 8.41 -26.17 -2.74
C ASP A 171 7.11 -25.63 -2.12
N ARG A 172 7.07 -24.37 -1.76
CA ARG A 172 5.88 -23.78 -1.18
C ARG A 172 5.41 -22.74 -2.16
N PHE A 173 4.14 -22.37 -2.08
CA PHE A 173 3.63 -21.32 -2.93
C PHE A 173 3.81 -20.10 -2.05
N GLU A 174 3.15 -20.12 -0.90
CA GLU A 174 3.23 -19.03 0.07
C GLU A 174 4.57 -19.18 0.79
N LEU A 175 5.40 -18.14 0.71
CA LEU A 175 6.70 -18.17 1.37
C LEU A 175 6.49 -17.70 2.79
N ASN A 176 7.55 -17.23 3.44
CA ASN A 176 7.42 -16.74 4.80
C ASN A 176 6.51 -15.52 4.83
N PRO A 177 5.56 -15.47 5.79
CA PRO A 177 4.61 -14.37 5.93
C PRO A 177 5.31 -13.05 6.16
N THR A 178 4.80 -12.00 5.52
CA THR A 178 5.37 -10.67 5.67
C THR A 178 4.94 -9.95 6.96
N MET A 179 4.12 -10.62 7.76
CA MET A 179 3.64 -10.07 9.04
C MET A 179 2.77 -11.07 9.76
N THR A 180 2.76 -10.97 11.07
CA THR A 180 1.96 -11.83 11.94
C THR A 180 1.05 -10.89 12.70
N TRP A 181 -0.07 -11.35 13.27
CA TRP A 181 -0.97 -10.40 13.90
C TRP A 181 -0.48 -9.37 14.89
N PRO A 182 0.02 -9.76 16.06
CA PRO A 182 0.46 -8.60 16.85
C PRO A 182 1.59 -7.90 16.08
N ILE A 183 1.32 -6.70 15.56
CA ILE A 183 2.33 -6.01 14.77
C ILE A 183 3.51 -5.81 15.69
N GLN A 184 4.60 -6.47 15.35
CA GLN A 184 5.81 -6.40 16.15
C GLN A 184 6.90 -5.62 15.41
N LEU A 185 7.16 -4.40 15.85
CA LEU A 185 8.19 -3.61 15.21
C LEU A 185 9.57 -3.91 15.78
N GLY A 186 10.57 -3.84 14.92
CA GLY A 186 11.95 -4.11 15.34
C GLY A 186 12.79 -2.90 15.74
N ASP A 187 13.91 -2.75 15.07
CA ASP A 187 14.84 -1.65 15.34
C ASP A 187 14.75 -0.62 14.23
N THR A 188 14.23 -1.06 13.08
CA THR A 188 14.07 -0.21 11.92
C THR A 188 12.91 -0.73 11.08
N PHE A 189 11.87 0.09 10.93
CA PHE A 189 10.73 -0.30 10.11
C PHE A 189 10.88 0.44 8.78
N ALA A 190 10.58 -0.25 7.69
CA ALA A 190 10.71 0.35 6.38
C ALA A 190 9.47 1.06 5.87
N ILE A 191 9.40 2.35 6.15
CA ILE A 191 8.30 3.16 5.67
C ILE A 191 8.77 3.59 4.30
N ASP A 192 8.88 2.64 3.39
CA ASP A 192 9.36 2.88 2.03
C ASP A 192 8.34 3.71 1.23
N ARG A 193 8.52 5.03 1.19
CA ARG A 193 7.59 5.90 0.49
C ARG A 193 8.25 7.11 -0.15
N TYR A 194 7.91 7.38 -1.40
CA TYR A 194 8.44 8.55 -2.11
C TYR A 194 7.45 9.67 -1.93
N TYR A 195 7.91 10.91 -1.99
CA TYR A 195 7.02 12.05 -1.83
C TYR A 195 7.01 12.94 -3.06
N GLU A 196 5.82 13.16 -3.61
CA GLU A 196 5.60 13.98 -4.80
C GLU A 196 6.57 15.15 -4.91
N ALA A 197 6.95 15.46 -6.15
CA ALA A 197 7.89 16.54 -6.46
C ALA A 197 7.65 17.86 -5.74
N LYS A 198 8.57 18.23 -4.85
CA LYS A 198 8.51 19.50 -4.12
C LYS A 198 9.15 20.53 -5.05
N GLU A 199 8.74 21.78 -4.94
CA GLU A 199 9.28 22.81 -5.82
C GLU A 199 9.64 24.07 -5.07
N ILE A 200 10.65 24.77 -5.59
CA ILE A 200 11.11 26.04 -5.03
C ILE A 200 11.36 26.95 -6.22
N LYS A 201 10.66 28.06 -6.34
CA LYS A 201 10.96 28.93 -7.48
C LYS A 201 11.39 30.33 -7.08
N LEU A 202 12.29 30.93 -7.88
CA LEU A 202 12.77 32.27 -7.63
C LEU A 202 11.60 33.18 -7.86
N ASP A 203 10.96 33.54 -6.77
CA ASP A 203 9.76 34.34 -6.78
C ASP A 203 9.13 34.16 -5.38
N GLY A 204 9.94 33.80 -4.38
CA GLY A 204 9.43 33.59 -3.03
C GLY A 204 8.46 32.41 -2.81
N SER A 205 9.01 31.34 -2.25
CA SER A 205 8.29 30.10 -1.91
C SER A 205 8.85 29.80 -0.54
N THR A 206 8.00 29.71 0.48
CA THR A 206 8.52 29.45 1.83
C THR A 206 8.11 28.15 2.52
N SER A 207 9.02 27.65 3.36
CA SER A 207 8.83 26.42 4.13
C SER A 207 8.19 25.25 3.37
N MET A 208 9.01 24.41 2.77
CA MET A 208 8.50 23.23 2.10
C MET A 208 8.21 22.32 3.28
N LEU A 209 7.26 21.42 3.13
CA LEU A 209 6.92 20.56 4.24
C LEU A 209 6.48 19.18 3.85
N SER A 210 7.23 18.19 4.31
CA SER A 210 6.87 16.81 4.08
C SER A 210 6.20 16.58 5.42
N ILE A 211 4.93 16.98 5.50
CA ILE A 211 4.17 16.81 6.74
C ILE A 211 4.27 15.37 7.12
N SER A 212 5.35 15.10 7.81
CA SER A 212 5.64 13.77 8.25
C SER A 212 4.84 13.67 9.52
N TYR A 213 4.99 12.54 10.19
CA TYR A 213 4.37 12.35 11.48
C TYR A 213 2.83 12.33 11.47
N ASN A 214 2.34 11.52 10.54
CA ASN A 214 0.92 11.25 10.36
C ASN A 214 0.96 10.15 9.31
N PHE A 215 1.90 9.24 9.53
CA PHE A 215 2.12 8.10 8.68
C PHE A 215 1.13 7.01 9.09
N GLY A 216 0.38 7.27 10.15
CA GLY A 216 -0.55 6.30 10.68
C GLY A 216 -1.72 5.82 9.86
N GLY A 217 -2.81 6.57 9.88
CA GLY A 217 -3.98 6.13 9.17
C GLY A 217 -4.01 6.40 7.68
N PRO A 218 -5.15 6.10 7.05
CA PRO A 218 -5.42 6.26 5.62
C PRO A 218 -5.33 7.75 5.25
N VAL A 219 -4.95 8.04 4.01
CA VAL A 219 -4.80 9.41 3.56
C VAL A 219 -5.59 9.67 2.29
N LYS A 220 -5.88 10.93 2.01
CA LYS A 220 -6.61 11.30 0.81
C LYS A 220 -5.70 12.09 -0.14
N HIS A 221 -5.42 11.51 -1.30
CA HIS A 221 -4.55 12.13 -2.30
C HIS A 221 -5.25 12.76 -3.51
N SER A 222 -6.20 13.67 -3.26
CA SER A 222 -6.91 14.34 -4.37
C SER A 222 -7.80 13.38 -5.14
N LYS A 223 -7.18 12.53 -5.96
CA LYS A 223 -7.92 11.58 -6.75
C LYS A 223 -8.50 10.43 -5.94
N LYS A 224 -7.80 10.00 -4.89
CA LYS A 224 -8.29 8.89 -4.06
C LYS A 224 -7.84 8.98 -2.62
N HIS A 225 -8.09 7.92 -1.87
CA HIS A 225 -7.68 7.76 -0.49
C HIS A 225 -6.73 6.60 -0.60
N ALA A 226 -6.00 6.30 0.46
CA ALA A 226 -5.09 5.20 0.35
C ALA A 226 -4.67 4.63 1.68
N ILE A 227 -4.54 3.32 1.72
CA ILE A 227 -4.08 2.62 2.91
C ILE A 227 -3.01 1.77 2.30
N SER A 228 -1.78 1.95 2.75
CA SER A 228 -0.67 1.17 2.24
C SER A 228 -0.11 0.36 3.41
N TYR A 229 0.61 -0.71 3.09
CA TYR A 229 1.22 -1.58 4.09
C TYR A 229 1.86 -0.81 5.24
N SER A 230 2.67 0.19 4.90
CA SER A 230 3.32 1.01 5.91
C SER A 230 2.28 1.63 6.85
N ARG A 231 1.41 2.45 6.29
CA ARG A 231 0.36 3.13 7.05
C ARG A 231 -0.36 2.18 7.98
N ALA A 232 -0.78 1.04 7.46
CA ALA A 232 -1.48 0.07 8.27
C ALA A 232 -0.60 -0.37 9.44
N VAL A 233 0.65 -0.75 9.15
CA VAL A 233 1.56 -1.21 10.17
C VAL A 233 1.87 -0.16 11.23
N MET A 234 1.79 1.12 10.89
CA MET A 234 2.08 2.17 11.85
C MET A 234 0.85 2.78 12.52
N SER A 235 -0.32 2.38 12.05
CA SER A 235 -1.57 2.90 12.58
C SER A 235 -2.01 2.32 13.90
N ARG A 236 -1.25 1.40 14.46
CA ARG A 236 -1.66 0.79 15.70
C ARG A 236 -1.61 1.61 16.97
N ASN A 237 -0.66 2.54 17.06
CA ASN A 237 -0.54 3.34 18.28
C ASN A 237 -0.78 4.80 18.02
N LEU A 238 -1.27 5.51 19.02
CA LEU A 238 -1.58 6.94 18.90
C LEU A 238 -0.47 7.90 18.45
N GLY A 239 0.79 7.52 18.65
CA GLY A 239 1.88 8.40 18.25
C GLY A 239 3.19 7.66 18.14
N TRP A 240 4.14 8.25 17.43
CA TRP A 240 5.45 7.63 17.26
C TRP A 240 6.60 8.56 17.64
N SER A 241 7.77 7.97 17.85
CA SER A 241 8.95 8.72 18.22
C SER A 241 10.18 7.95 17.74
N GLY A 242 11.19 8.67 17.25
CA GLY A 242 12.40 8.03 16.75
C GLY A 242 13.15 8.86 15.74
N THR A 243 13.76 8.20 14.75
CA THR A 243 14.51 8.90 13.71
C THR A 243 14.25 8.31 12.33
N ILE A 244 13.99 9.21 11.38
CA ILE A 244 13.72 8.85 10.00
C ILE A 244 14.96 9.00 9.15
N SER A 245 15.18 8.07 8.23
CA SER A 245 16.30 8.19 7.32
C SER A 245 15.66 8.28 5.94
N GLY A 246 16.09 9.26 5.14
CA GLY A 246 15.54 9.45 3.82
C GLY A 246 16.57 10.08 2.90
N SER A 247 16.14 10.58 1.74
CA SER A 247 17.06 11.20 0.81
C SER A 247 16.35 12.15 -0.13
N VAL A 248 17.10 13.12 -0.62
CA VAL A 248 16.55 14.11 -1.54
C VAL A 248 17.24 13.87 -2.87
N LYS A 249 16.56 14.20 -3.96
CA LYS A 249 17.13 14.06 -5.29
C LYS A 249 16.59 15.16 -6.16
N SER A 250 17.50 15.98 -6.69
CA SER A 250 17.12 17.08 -7.55
C SER A 250 16.70 16.52 -8.90
N VAL A 251 15.59 17.03 -9.43
CA VAL A 251 15.08 16.59 -10.73
C VAL A 251 15.62 17.57 -11.77
N SER A 252 15.43 18.84 -11.47
CA SER A 252 15.84 19.97 -12.31
C SER A 252 17.16 19.93 -13.07
N SER A 253 17.09 20.46 -14.30
CA SER A 253 18.21 20.57 -15.22
C SER A 253 19.34 21.43 -14.65
N LEU A 254 20.57 21.19 -15.14
CA LEU A 254 21.73 21.93 -14.67
C LEU A 254 21.69 23.44 -14.81
N PHE A 255 20.69 23.96 -15.53
CA PHE A 255 20.59 25.40 -15.68
C PHE A 255 20.06 26.02 -14.41
N CYS A 256 19.38 25.22 -13.61
CA CYS A 256 18.79 25.71 -12.37
C CYS A 256 19.38 25.08 -11.12
N THR A 257 19.94 25.90 -10.24
CA THR A 257 20.54 25.41 -9.00
C THR A 257 19.96 26.15 -7.82
N ALA A 258 20.00 25.53 -6.65
CA ALA A 258 19.47 26.14 -5.43
C ALA A 258 20.01 25.38 -4.24
N SER A 259 19.65 25.81 -3.04
CA SER A 259 20.07 25.14 -1.83
C SER A 259 19.01 25.38 -0.77
N PHE A 260 18.81 24.42 0.11
CA PHE A 260 17.80 24.49 1.16
C PHE A 260 18.29 23.86 2.45
N VAL A 261 17.59 24.13 3.57
CA VAL A 261 17.96 23.58 4.86
C VAL A 261 16.86 22.66 5.35
N ILE A 262 17.22 21.54 5.95
CA ILE A 262 16.24 20.60 6.50
C ILE A 262 16.27 20.80 8.01
N PHE A 263 15.11 20.87 8.62
CA PHE A 263 15.04 21.07 10.06
C PHE A 263 13.70 20.59 10.62
N PRO A 264 13.69 20.16 11.89
CA PRO A 264 12.46 19.68 12.53
C PRO A 264 11.61 20.89 12.85
N TRP A 265 10.30 20.76 12.69
CA TRP A 265 9.39 21.88 12.92
C TRP A 265 8.06 21.33 13.43
N GLU A 266 7.07 22.19 13.60
CA GLU A 266 5.74 21.77 14.04
C GLU A 266 4.66 22.80 13.68
N CYS A 267 5.00 24.09 13.80
CA CYS A 267 4.06 25.18 13.51
C CYS A 267 4.25 25.83 12.12
N GLU A 268 3.81 27.09 11.99
CA GLU A 268 3.88 27.82 10.71
C GLU A 268 5.04 28.82 10.59
N ALA A 269 6.03 28.44 9.78
CA ALA A 269 7.24 29.21 9.48
C ALA A 269 8.17 29.54 10.64
N PRO A 270 9.45 29.12 10.55
CA PRO A 270 10.47 29.38 11.55
C PRO A 270 11.15 30.53 10.85
N PRO A 271 10.40 31.64 10.71
CA PRO A 271 10.77 32.90 10.04
C PRO A 271 12.25 33.18 10.05
N THR A 272 12.86 32.84 11.16
CA THR A 272 14.23 33.11 11.28
C THR A 272 15.12 31.98 10.91
N LEU A 273 16.01 32.29 9.98
CA LEU A 273 17.03 31.37 9.52
C LEU A 273 17.90 31.26 10.78
N ARG A 274 17.77 32.24 11.67
CA ARG A 274 18.47 32.30 12.94
C ARG A 274 17.86 31.29 13.90
N GLN A 275 16.61 30.93 13.66
CA GLN A 275 15.94 29.93 14.47
C GLN A 275 16.36 28.61 13.86
N VAL A 276 16.33 28.55 12.53
CA VAL A 276 16.71 27.36 11.77
C VAL A 276 18.18 26.99 12.00
N LEU A 277 19.02 28.01 12.18
CA LEU A 277 20.44 27.79 12.39
C LEU A 277 20.80 27.49 13.84
N TRP A 278 20.02 28.05 14.76
CA TRP A 278 20.25 27.83 16.18
C TRP A 278 20.14 26.37 16.55
N GLY A 279 19.03 25.76 16.14
CA GLY A 279 18.77 24.36 16.41
C GLY A 279 19.32 23.45 15.33
N PRO A 280 18.98 22.15 15.39
CA PRO A 280 19.44 21.15 14.41
C PRO A 280 19.04 21.55 13.00
N HIS A 281 19.89 21.22 12.03
CA HIS A 281 19.63 21.57 10.63
C HIS A 281 20.65 20.90 9.72
N GLN A 282 20.35 20.88 8.43
CA GLN A 282 21.24 20.28 7.43
C GLN A 282 21.06 21.01 6.11
N ILE A 283 21.99 21.91 5.81
CA ILE A 283 21.96 22.68 4.59
C ILE A 283 22.31 21.78 3.43
N MET A 284 21.33 21.47 2.60
CA MET A 284 21.56 20.62 1.45
C MET A 284 21.72 21.43 0.19
N HIS A 285 22.49 20.91 -0.75
CA HIS A 285 22.72 21.61 -2.00
C HIS A 285 22.22 20.80 -3.19
N GLY A 286 21.13 20.06 -3.00
CA GLY A 286 20.61 19.26 -4.08
C GLY A 286 20.30 17.85 -3.67
N ASP A 287 21.17 16.92 -4.03
CA ASP A 287 20.95 15.53 -3.68
C ASP A 287 21.60 15.30 -2.33
N GLY A 288 21.33 14.15 -1.73
CA GLY A 288 21.91 13.83 -0.43
C GLY A 288 21.03 12.98 0.44
N GLN A 289 21.61 12.40 1.49
CA GLN A 289 20.85 11.58 2.41
C GLN A 289 20.76 12.30 3.73
N PHE A 290 19.70 12.04 4.48
CA PHE A 290 19.50 12.69 5.76
C PHE A 290 18.78 11.78 6.73
N GLU A 291 19.25 11.73 7.98
CA GLU A 291 18.58 10.96 9.02
C GLU A 291 18.25 12.04 10.05
N ILE A 292 16.97 12.32 10.22
CA ILE A 292 16.51 13.35 11.14
C ILE A 292 15.75 12.77 12.32
N ALA A 293 15.83 13.44 13.46
CA ALA A 293 15.11 13.00 14.65
C ALA A 293 13.73 13.70 14.73
N ILE A 294 12.68 12.96 15.09
CA ILE A 294 11.34 13.56 15.18
C ILE A 294 11.36 14.54 16.37
N LYS A 295 10.75 15.70 16.22
CA LYS A 295 10.73 16.69 17.31
C LYS A 295 9.44 17.50 17.39
N THR A 296 8.81 17.49 18.57
CA THR A 296 7.56 18.21 18.80
C THR A 296 7.52 18.84 20.20
N ARG A 297 6.43 19.53 20.52
CA ARG A 297 6.26 20.21 21.82
C ARG A 297 6.20 19.25 23.02
N LEU A 298 6.11 17.95 22.74
CA LEU A 298 6.04 16.88 23.74
C LEU A 298 6.75 15.66 23.17
N HIS A 299 7.81 15.95 22.43
CA HIS A 299 8.68 14.96 21.81
C HIS A 299 8.15 14.10 20.67
N SER A 300 7.09 13.36 20.91
CA SER A 300 6.55 12.47 19.90
C SER A 300 5.62 13.13 18.90
N ALA A 301 5.36 12.44 17.81
CA ALA A 301 4.48 12.93 16.79
C ALA A 301 3.29 12.00 16.73
N ALA A 302 2.18 12.45 16.15
CA ALA A 302 0.99 11.63 16.05
C ALA A 302 1.10 10.70 14.85
N THR A 303 0.28 9.65 14.83
CA THR A 303 0.28 8.70 13.74
C THR A 303 -0.89 8.96 12.80
N THR A 304 -2.10 8.93 13.34
CA THR A 304 -3.29 9.18 12.54
C THR A 304 -3.49 10.69 12.31
N GLU A 305 -3.23 11.47 13.35
CA GLU A 305 -3.41 12.92 13.32
C GLU A 305 -2.25 13.78 12.83
N GLU A 306 -2.63 14.79 12.05
CA GLU A 306 -1.69 15.73 11.45
C GLU A 306 -1.57 17.01 12.24
N GLY A 307 -0.46 17.72 12.03
CA GLY A 307 -0.23 18.98 12.71
C GLY A 307 0.40 18.73 14.08
N PHE A 308 1.08 17.59 14.18
CA PHE A 308 1.74 17.20 15.41
C PHE A 308 3.16 16.84 15.01
N GLY A 309 3.89 17.86 14.57
CA GLY A 309 5.25 17.68 14.12
C GLY A 309 5.25 17.75 12.61
N ARG A 310 6.44 17.97 12.03
CA ARG A 310 6.60 18.04 10.57
C ARG A 310 8.07 18.20 10.17
N LEU A 311 8.39 17.85 8.93
CA LEU A 311 9.75 17.96 8.41
C LEU A 311 9.85 19.24 7.60
N GLY A 312 10.75 20.13 8.01
CA GLY A 312 10.86 21.40 7.33
C GLY A 312 11.93 21.53 6.27
N ILE A 313 11.57 22.19 5.16
CA ILE A 313 12.50 22.42 4.05
C ILE A 313 12.49 23.89 3.71
N LEU A 314 13.28 24.68 4.43
CA LEU A 314 13.39 26.12 4.21
C LEU A 314 14.39 26.45 3.10
N PRO A 315 13.93 27.09 2.01
CA PRO A 315 14.87 27.44 0.94
C PRO A 315 15.88 28.45 1.45
N LEU A 316 17.16 28.13 1.30
CA LEU A 316 18.27 28.95 1.77
C LEU A 316 18.74 29.98 0.76
N SER A 317 19.41 29.52 -0.27
CA SER A 317 19.91 30.39 -1.32
C SER A 317 19.07 30.22 -2.59
N GLY A 318 18.22 31.22 -2.83
CA GLY A 318 17.29 31.22 -3.95
C GLY A 318 17.75 30.62 -5.27
N PRO A 319 16.81 30.07 -6.05
CA PRO A 319 17.11 29.45 -7.34
C PRO A 319 17.75 30.40 -8.35
N ILE A 320 18.99 30.09 -8.71
CA ILE A 320 19.75 30.88 -9.65
C ILE A 320 19.84 30.11 -10.96
N ALA A 321 19.18 30.63 -11.99
CA ALA A 321 19.17 30.02 -13.32
C ALA A 321 19.18 31.12 -14.37
N PRO A 322 19.85 30.91 -15.51
CA PRO A 322 19.89 31.92 -16.56
C PRO A 322 18.46 32.30 -16.88
N ASP A 323 18.26 33.51 -17.40
CA ASP A 323 16.92 33.98 -17.73
C ASP A 323 16.23 33.07 -18.74
N ALA A 324 17.01 32.48 -19.63
CA ALA A 324 16.47 31.61 -20.65
C ALA A 324 15.77 30.38 -20.01
N HIS A 325 16.20 30.02 -18.81
CA HIS A 325 15.60 28.87 -18.14
C HIS A 325 14.26 29.23 -17.52
N VAL A 326 13.28 28.41 -17.82
CA VAL A 326 11.95 28.55 -17.28
C VAL A 326 11.79 27.30 -16.44
N GLY A 327 10.99 27.37 -15.38
CA GLY A 327 10.80 26.19 -14.56
C GLY A 327 11.45 26.35 -13.20
N SER A 328 10.73 25.88 -12.18
CA SER A 328 11.15 25.95 -10.80
C SER A 328 12.21 24.92 -10.46
N TYR A 329 12.73 25.01 -9.25
CA TYR A 329 13.69 24.04 -8.78
C TYR A 329 12.75 22.94 -8.35
N GLU A 330 13.14 21.70 -8.59
CA GLU A 330 12.28 20.57 -8.26
C GLU A 330 13.10 19.43 -7.70
N PHE A 331 12.61 18.82 -6.63
CA PHE A 331 13.29 17.70 -6.01
C PHE A 331 12.29 16.70 -5.43
N ILE A 332 12.65 15.43 -5.44
CA ILE A 332 11.79 14.39 -4.92
C ILE A 332 12.37 13.87 -3.62
N VAL A 333 11.59 13.94 -2.54
CA VAL A 333 12.03 13.47 -1.24
C VAL A 333 11.63 12.01 -1.10
N HIS A 334 12.46 11.20 -0.48
CA HIS A 334 12.16 9.80 -0.31
C HIS A 334 12.35 9.36 1.12
N ILE A 335 11.27 8.97 1.80
CA ILE A 335 11.37 8.49 3.17
C ILE A 335 11.77 7.02 3.08
N ASN A 336 12.69 6.60 3.95
CA ASN A 336 13.18 5.23 3.91
C ASN A 336 12.88 4.35 5.12
N THR A 337 13.71 4.38 6.15
CA THR A 337 13.47 3.54 7.33
C THR A 337 13.50 4.34 8.61
N TRP A 338 12.67 3.98 9.58
CA TRP A 338 12.66 4.71 10.84
C TRP A 338 13.07 3.85 12.01
N ARG A 339 14.03 4.35 12.77
CA ARG A 339 14.50 3.65 13.93
C ARG A 339 13.64 4.16 15.07
N PRO A 340 12.92 3.26 15.73
CA PRO A 340 12.06 3.67 16.84
C PRO A 340 12.88 4.30 17.95
N ASP A 341 12.20 5.04 18.82
CA ASP A 341 12.83 5.72 19.93
C ASP A 341 12.96 4.80 21.14
N SER A 342 12.16 5.05 22.17
CA SER A 342 12.19 4.24 23.38
C SER A 342 11.00 4.61 24.26
N GLN A 343 10.53 5.85 24.15
CA GLN A 343 9.39 6.28 24.95
C GLN A 343 8.13 5.57 24.44
N VAL A 344 7.28 5.18 25.36
CA VAL A 344 6.05 4.46 25.01
C VAL A 344 4.92 5.32 24.48
N HIS A 345 3.99 4.67 23.78
CA HIS A 345 2.82 5.31 23.21
C HIS A 345 1.70 4.30 23.36
N PRO A 346 0.50 4.76 23.69
CA PRO A 346 -0.66 3.89 23.86
C PRO A 346 -1.12 3.30 22.54
N PRO A 347 -1.74 2.10 22.57
CA PRO A 347 -2.25 1.42 21.38
C PRO A 347 -3.43 2.23 20.92
N MET A 348 -4.15 1.79 19.88
CA MET A 348 -5.27 2.60 19.44
C MET A 348 -6.52 2.58 20.32
N PHE A 349 -7.04 1.40 20.61
CA PHE A 349 -8.25 1.36 21.41
C PHE A 349 -7.97 0.92 22.84
N SER A 350 -7.43 -0.30 22.95
CA SER A 350 -7.04 -0.90 24.22
C SER A 350 -5.90 -1.83 23.85
N SER A 351 -5.53 -2.70 24.78
CA SER A 351 -4.45 -3.61 24.49
C SER A 351 -4.98 -4.82 23.77
N SER A 352 -6.09 -5.37 24.25
CA SER A 352 -6.65 -6.57 23.64
C SER A 352 -7.06 -6.46 22.19
N GLU A 353 -6.66 -7.48 21.43
CA GLU A 353 -6.94 -7.56 20.01
C GLU A 353 -8.39 -7.97 19.84
N LEU A 354 -9.24 -6.99 19.54
CA LEU A 354 -10.65 -7.21 19.33
C LEU A 354 -11.02 -6.01 18.50
N TYR A 355 -11.50 -6.23 17.29
CA TYR A 355 -11.83 -5.12 16.41
C TYR A 355 -13.19 -5.30 15.78
N ASN A 356 -13.97 -4.23 15.74
CA ASN A 356 -15.30 -4.29 15.18
C ASN A 356 -15.20 -4.48 13.67
N TRP A 357 -15.91 -5.46 13.14
CA TRP A 357 -15.91 -5.73 11.71
C TRP A 357 -17.08 -4.93 11.11
N PHE A 358 -18.29 -5.46 11.20
CA PHE A 358 -19.46 -4.75 10.70
C PHE A 358 -20.61 -4.88 11.70
N THR A 359 -21.66 -4.08 11.49
CA THR A 359 -22.85 -4.10 12.35
C THR A 359 -24.06 -3.92 11.44
N LEU A 360 -24.88 -4.96 11.32
CA LEU A 360 -26.02 -4.87 10.44
C LEU A 360 -27.36 -4.54 11.11
N THR A 361 -28.02 -3.54 10.55
CA THR A 361 -29.31 -3.02 11.02
C THR A 361 -30.31 -3.12 9.90
N ASN A 362 -31.61 -3.06 10.22
CA ASN A 362 -32.68 -3.14 9.21
C ASN A 362 -32.67 -4.38 8.36
N LEU A 363 -32.74 -5.55 8.99
CA LEU A 363 -32.72 -6.79 8.26
C LEU A 363 -34.03 -6.88 7.51
N LYS A 364 -33.96 -7.35 6.27
CA LYS A 364 -35.14 -7.49 5.45
C LYS A 364 -35.38 -8.96 5.26
N PRO A 365 -36.18 -9.55 6.15
CA PRO A 365 -36.52 -10.98 6.14
C PRO A 365 -37.45 -11.26 4.97
N ASP A 366 -37.37 -12.47 4.43
CA ASP A 366 -38.24 -12.80 3.30
C ASP A 366 -39.69 -12.52 3.67
N ALA A 367 -40.46 -12.14 2.66
CA ALA A 367 -41.85 -11.80 2.85
C ALA A 367 -42.65 -12.86 3.60
N ASN A 368 -42.38 -14.13 3.29
CA ASN A 368 -43.14 -15.22 3.90
C ASN A 368 -42.71 -15.79 5.24
N THR A 369 -41.54 -16.41 5.29
CA THR A 369 -41.06 -16.97 6.55
C THR A 369 -40.59 -15.89 7.51
N GLY A 370 -40.33 -14.70 6.98
CA GLY A 370 -39.88 -13.61 7.81
C GLY A 370 -38.56 -13.95 8.45
N VAL A 371 -37.80 -14.83 7.77
CA VAL A 371 -36.49 -15.26 8.23
C VAL A 371 -35.43 -14.70 7.31
N VAL A 372 -34.34 -14.20 7.88
CA VAL A 372 -33.23 -13.69 7.09
C VAL A 372 -32.07 -14.60 7.42
N ASN A 373 -31.26 -14.91 6.41
CA ASN A 373 -30.08 -15.74 6.59
C ASN A 373 -28.91 -14.98 6.02
N PHE A 374 -27.90 -14.72 6.84
CA PHE A 374 -26.71 -14.00 6.37
C PHE A 374 -25.59 -15.03 6.37
N ASP A 375 -24.69 -14.91 5.41
CA ASP A 375 -23.55 -15.82 5.29
C ASP A 375 -22.24 -15.07 5.34
N ILE A 376 -21.53 -15.16 6.46
CA ILE A 376 -20.25 -14.48 6.59
C ILE A 376 -19.21 -15.48 6.10
N PRO A 377 -18.59 -15.22 4.95
CA PRO A 377 -17.57 -16.01 4.26
C PRO A 377 -16.45 -16.66 5.04
N GLY A 378 -15.22 -16.32 4.68
CA GLY A 378 -14.08 -16.91 5.32
C GLY A 378 -12.89 -16.03 5.04
N TYR A 379 -13.09 -15.02 4.19
CA TYR A 379 -12.02 -14.09 3.87
C TYR A 379 -12.43 -12.76 4.51
N ILE A 380 -11.49 -12.07 5.14
CA ILE A 380 -11.83 -10.78 5.74
C ILE A 380 -11.98 -9.82 4.56
N HIS A 381 -13.11 -9.12 4.52
CA HIS A 381 -13.41 -8.18 3.43
C HIS A 381 -14.51 -7.23 3.84
N ASP A 382 -14.75 -6.22 3.01
CA ASP A 382 -15.81 -5.25 3.29
C ASP A 382 -17.14 -5.97 3.13
N PHE A 383 -17.64 -6.53 4.22
CA PHE A 383 -18.89 -7.25 4.18
C PHE A 383 -20.03 -6.33 3.82
N ALA A 384 -20.92 -6.83 2.99
CA ALA A 384 -22.10 -6.06 2.59
C ALA A 384 -23.06 -6.99 1.90
N SER A 385 -24.31 -7.03 2.39
CA SER A 385 -25.35 -7.87 1.78
C SER A 385 -26.49 -6.92 1.42
N LYS A 386 -27.58 -7.47 0.90
CA LYS A 386 -28.73 -6.65 0.50
C LYS A 386 -30.00 -6.96 1.28
N ASP A 387 -29.83 -7.62 2.44
CA ASP A 387 -30.98 -7.96 3.26
C ASP A 387 -30.82 -7.32 4.61
N ALA A 388 -30.05 -6.24 4.65
CA ALA A 388 -29.82 -5.51 5.87
C ALA A 388 -29.06 -4.26 5.50
N THR A 389 -28.80 -3.43 6.49
CA THR A 389 -28.08 -2.18 6.32
C THR A 389 -26.75 -2.36 7.03
N VAL A 390 -25.75 -2.80 6.28
CA VAL A 390 -24.42 -3.04 6.82
C VAL A 390 -23.61 -1.77 7.01
N THR A 391 -23.13 -1.58 8.22
CA THR A 391 -22.31 -0.42 8.58
C THR A 391 -20.92 -0.94 8.94
N LEU A 392 -19.93 -0.63 8.10
CA LEU A 392 -18.58 -1.12 8.31
C LEU A 392 -17.68 -0.23 9.16
N ALA A 393 -16.87 -0.86 9.99
CA ALA A 393 -15.95 -0.19 10.89
C ALA A 393 -14.55 -0.12 10.31
N SER A 394 -13.64 0.55 11.01
CA SER A 394 -12.26 0.70 10.58
C SER A 394 -11.31 0.68 11.76
N ASN A 395 -10.28 -0.15 11.65
CA ASN A 395 -9.29 -0.30 12.71
C ASN A 395 -8.07 -0.90 12.08
N PRO A 396 -6.93 -0.83 12.78
CA PRO A 396 -5.71 -1.40 12.22
C PRO A 396 -5.83 -2.79 11.59
N LEU A 397 -6.73 -3.64 12.09
CA LEU A 397 -6.88 -4.96 11.46
C LEU A 397 -7.45 -4.78 10.06
N SER A 398 -8.51 -3.99 9.94
CA SER A 398 -9.15 -3.73 8.65
C SER A 398 -8.20 -3.10 7.64
N TRP A 399 -7.26 -2.30 8.14
CA TRP A 399 -6.31 -1.65 7.26
C TRP A 399 -5.26 -2.62 6.78
N LEU A 400 -4.60 -3.29 7.71
CA LEU A 400 -3.58 -4.24 7.33
C LEU A 400 -4.11 -5.31 6.39
N VAL A 401 -5.39 -5.65 6.51
CA VAL A 401 -5.98 -6.67 5.64
C VAL A 401 -6.14 -6.13 4.23
N ALA A 402 -6.56 -4.88 4.15
CA ALA A 402 -6.80 -4.22 2.88
C ALA A 402 -5.54 -3.72 2.22
N ALA A 403 -4.47 -3.58 3.00
CA ALA A 403 -3.20 -3.10 2.45
C ALA A 403 -2.24 -4.25 2.27
N THR A 404 -2.77 -5.45 2.21
CA THR A 404 -1.95 -6.63 2.07
C THR A 404 -2.61 -7.61 1.11
N GLY A 405 -1.79 -8.34 0.35
CA GLY A 405 -2.32 -9.25 -0.64
C GLY A 405 -3.01 -10.53 -0.19
N TRP A 406 -2.39 -11.27 0.71
CA TRP A 406 -2.93 -12.53 1.19
C TRP A 406 -2.99 -12.54 2.71
N HIS A 407 -3.96 -13.26 3.27
CA HIS A 407 -4.05 -13.40 4.74
C HIS A 407 -4.69 -14.74 5.07
N TYR A 408 -4.08 -15.47 5.99
CA TYR A 408 -4.53 -16.79 6.39
C TYR A 408 -4.27 -16.93 7.88
N GLY A 409 -5.22 -17.53 8.61
CA GLY A 409 -5.08 -17.69 10.05
C GLY A 409 -6.46 -17.83 10.68
N GLU A 410 -6.57 -17.97 12.00
CA GLU A 410 -7.89 -18.12 12.64
C GLU A 410 -8.36 -16.96 13.52
N VAL A 411 -9.65 -16.69 13.44
CA VAL A 411 -10.28 -15.62 14.20
C VAL A 411 -11.56 -16.12 14.82
N ASP A 412 -12.06 -15.42 15.84
CA ASP A 412 -13.33 -15.78 16.47
C ASP A 412 -14.32 -14.66 16.16
N LEU A 413 -15.41 -14.96 15.47
CA LEU A 413 -16.40 -13.93 15.17
C LEU A 413 -17.19 -13.78 16.46
N CYS A 414 -17.06 -12.64 17.10
CA CYS A 414 -17.80 -12.37 18.32
C CYS A 414 -19.11 -11.71 17.95
N ILE A 415 -20.14 -12.52 17.83
CA ILE A 415 -21.47 -12.07 17.45
C ILE A 415 -22.27 -11.59 18.66
N SER A 416 -23.20 -10.68 18.43
CA SER A 416 -24.07 -10.11 19.47
C SER A 416 -25.27 -9.48 18.76
N TRP A 417 -26.49 -9.80 19.20
CA TRP A 417 -27.70 -9.26 18.56
C TRP A 417 -28.77 -8.97 19.59
N SER A 418 -29.69 -8.07 19.27
CA SER A 418 -30.75 -7.68 20.21
C SER A 418 -32.17 -7.64 19.64
N ARG A 419 -33.14 -7.97 20.50
CA ARG A 419 -34.55 -7.98 20.13
C ARG A 419 -35.22 -6.65 20.50
N SER A 420 -36.35 -6.33 19.87
CA SER A 420 -37.06 -5.06 20.09
C SER A 420 -38.04 -4.96 21.26
N LYS A 421 -39.19 -5.58 21.05
CA LYS A 421 -40.33 -5.59 21.96
C LYS A 421 -40.03 -5.65 23.46
N GLN A 422 -41.02 -5.33 24.29
CA GLN A 422 -40.85 -5.40 25.74
C GLN A 422 -40.48 -6.83 26.04
N ALA A 423 -39.74 -7.02 27.12
CA ALA A 423 -39.32 -8.35 27.52
C ALA A 423 -40.36 -9.48 27.31
N GLN A 424 -41.61 -9.24 27.67
CA GLN A 424 -42.64 -10.27 27.53
C GLN A 424 -43.04 -10.68 26.12
N ALA A 425 -43.11 -9.71 25.22
CA ALA A 425 -43.53 -9.98 23.85
C ALA A 425 -42.44 -10.46 22.90
N GLN A 426 -41.19 -10.30 23.31
CA GLN A 426 -40.07 -10.74 22.48
C GLN A 426 -40.19 -12.22 22.17
N GLU A 427 -39.97 -12.58 20.91
CA GLU A 427 -40.03 -13.97 20.52
C GLU A 427 -39.11 -14.26 19.34
N GLY A 428 -38.80 -15.55 19.17
CA GLY A 428 -37.94 -15.98 18.08
C GLY A 428 -36.77 -16.84 18.48
N SER A 429 -35.85 -17.01 17.54
CA SER A 429 -34.64 -17.82 17.72
C SER A 429 -33.69 -17.58 16.56
N VAL A 430 -32.40 -17.77 16.81
CA VAL A 430 -31.34 -17.58 15.82
C VAL A 430 -30.52 -18.87 15.77
N SER A 431 -29.90 -19.17 14.64
CA SER A 431 -29.10 -20.39 14.53
C SER A 431 -27.80 -20.15 13.79
N ILE A 432 -26.66 -20.37 14.46
CA ILE A 432 -25.33 -20.17 13.87
C ILE A 432 -24.65 -21.52 13.61
N THR A 433 -24.16 -21.71 12.39
CA THR A 433 -23.51 -22.96 11.97
C THR A 433 -22.36 -22.70 11.02
N THR A 434 -21.17 -23.22 11.30
CA THR A 434 -20.02 -23.05 10.41
C THR A 434 -20.16 -24.08 9.29
N ASN A 435 -20.38 -23.61 8.07
CA ASN A 435 -20.59 -24.48 6.92
C ASN A 435 -19.42 -24.55 5.93
N TYR A 436 -19.53 -25.45 4.94
CA TYR A 436 -18.50 -25.56 3.89
C TYR A 436 -19.08 -25.33 2.49
N ARG A 437 -19.42 -26.37 1.74
CA ARG A 437 -19.96 -26.07 0.42
C ARG A 437 -21.44 -25.74 0.50
N ASP A 438 -21.85 -24.84 -0.39
CA ASP A 438 -23.22 -24.32 -0.52
C ASP A 438 -24.35 -25.20 -0.01
N TRP A 439 -25.17 -24.65 0.88
CA TRP A 439 -26.29 -25.34 1.51
C TRP A 439 -26.54 -26.85 1.37
N GLY A 440 -25.74 -27.60 2.14
CA GLY A 440 -25.78 -29.06 2.19
C GLY A 440 -25.59 -29.53 3.63
N ALA A 441 -25.00 -30.70 3.81
CA ALA A 441 -24.81 -31.22 5.17
C ALA A 441 -23.46 -30.92 5.86
N TYR A 442 -22.46 -30.49 5.10
CA TYR A 442 -21.13 -30.19 5.64
C TYR A 442 -21.15 -29.10 6.71
N TRP A 443 -20.75 -29.38 7.97
CA TRP A 443 -20.73 -28.33 9.02
C TRP A 443 -20.42 -28.62 10.51
N GLN A 444 -20.88 -27.70 11.38
CA GLN A 444 -20.80 -27.67 12.86
C GLN A 444 -21.79 -26.55 13.35
N GLY A 445 -22.80 -26.84 14.19
CA GLY A 445 -23.74 -25.78 14.60
C GLY A 445 -24.53 -25.80 15.90
N GLN A 446 -25.19 -24.68 16.20
CA GLN A 446 -25.97 -24.52 17.45
C GLN A 446 -27.14 -23.50 17.33
N ALA A 447 -28.13 -23.60 18.22
CA ALA A 447 -29.30 -22.69 18.21
C ALA A 447 -29.35 -21.80 19.47
N ARG A 448 -29.92 -20.60 19.34
CA ARG A 448 -30.03 -19.61 20.44
C ARG A 448 -31.37 -18.87 20.52
N ILE A 449 -31.96 -18.88 21.72
CA ILE A 449 -33.25 -18.23 22.04
C ILE A 449 -33.02 -16.84 22.60
N TYR A 450 -32.75 -16.82 23.91
CA TYR A 450 -32.49 -15.59 24.63
C TYR A 450 -31.11 -15.63 25.27
N ASP A 451 -30.25 -16.22 24.46
CA ASP A 451 -28.83 -16.35 24.65
C ASP A 451 -28.69 -15.47 23.41
N LEU A 452 -28.25 -14.25 23.59
CA LEU A 452 -28.14 -13.29 22.49
C LEU A 452 -26.72 -12.77 22.35
N ARG A 453 -25.81 -13.70 22.06
CA ARG A 453 -24.40 -13.39 21.92
C ARG A 453 -23.68 -14.72 21.70
N ARG A 454 -22.78 -14.78 20.73
CA ARG A 454 -22.05 -16.00 20.49
C ARG A 454 -20.69 -15.73 19.92
N THR A 455 -19.83 -16.72 19.98
CA THR A 455 -18.47 -16.61 19.48
C THR A 455 -18.19 -17.95 18.86
N GLU A 456 -17.67 -17.94 17.63
CA GLU A 456 -17.31 -19.20 16.98
C GLU A 456 -16.03 -19.12 16.18
N ALA A 457 -15.09 -19.96 16.57
CA ALA A 457 -13.81 -20.05 15.92
C ALA A 457 -14.09 -20.47 14.49
N GLU A 458 -13.50 -19.77 13.54
CA GLU A 458 -13.65 -20.07 12.12
C GLU A 458 -12.38 -19.59 11.44
N ILE A 459 -11.95 -20.24 10.35
CA ILE A 459 -10.66 -19.89 9.70
C ILE A 459 -10.55 -19.55 8.20
N PRO A 460 -9.94 -18.38 7.86
CA PRO A 460 -9.69 -17.82 6.54
C PRO A 460 -9.08 -18.70 5.44
N ILE A 461 -9.97 -18.99 4.48
CA ILE A 461 -9.80 -19.82 3.25
C ILE A 461 -8.57 -20.54 2.73
N PHE A 462 -8.84 -21.42 1.76
CA PHE A 462 -7.89 -22.28 1.06
C PHE A 462 -6.64 -21.47 0.71
N LEU A 463 -5.58 -21.71 1.52
CA LEU A 463 -4.23 -21.05 1.45
C LEU A 463 -4.26 -19.64 2.05
N GLY A 464 -5.28 -18.86 1.68
CA GLY A 464 -5.45 -17.53 2.26
C GLY A 464 -5.69 -16.30 1.40
N SER A 465 -6.82 -16.19 0.70
CA SER A 465 -7.07 -15.00 -0.13
C SER A 465 -7.76 -13.89 0.60
N TYR A 466 -7.92 -12.75 -0.08
CA TYR A 466 -8.56 -11.54 0.47
C TYR A 466 -10.04 -11.38 0.14
N ALA A 467 -10.46 -11.94 -0.98
CA ALA A 467 -11.85 -11.83 -1.36
C ALA A 467 -12.18 -13.01 -2.29
N GLY A 468 -13.47 -13.14 -2.66
CA GLY A 468 -13.92 -14.21 -3.53
C GLY A 468 -13.09 -15.46 -3.40
N ALA A 469 -12.84 -15.82 -2.13
CA ALA A 469 -12.03 -16.96 -1.70
C ALA A 469 -11.81 -17.98 -2.78
N THR A 470 -10.96 -17.59 -3.72
CA THR A 470 -10.60 -18.39 -4.86
C THR A 470 -11.53 -19.57 -5.25
N PRO A 471 -11.65 -20.63 -4.39
CA PRO A 471 -12.54 -21.70 -4.85
C PRO A 471 -13.79 -21.89 -4.00
N SER A 472 -14.49 -22.99 -4.28
CA SER A 472 -15.66 -23.39 -3.49
C SER A 472 -14.99 -23.79 -2.17
N GLY A 473 -13.69 -24.02 -2.27
CA GLY A 473 -12.88 -24.32 -1.11
C GLY A 473 -12.72 -22.97 -0.45
N ALA A 474 -13.84 -22.49 0.08
CA ALA A 474 -13.94 -21.22 0.78
C ALA A 474 -14.92 -21.60 1.88
N LEU A 475 -14.35 -22.10 2.97
CA LEU A 475 -15.09 -22.55 4.14
C LEU A 475 -15.70 -21.37 4.88
N GLY A 476 -15.86 -21.57 6.17
CA GLY A 476 -16.36 -20.54 7.05
C GLY A 476 -17.81 -20.17 7.03
N LYS A 477 -18.31 -19.75 5.88
CA LYS A 477 -19.67 -19.28 5.77
C LYS A 477 -20.58 -19.71 6.91
N GLN A 478 -20.85 -18.80 7.84
CA GLN A 478 -21.76 -19.12 8.95
C GLN A 478 -23.07 -18.55 8.49
N ASN A 479 -24.11 -19.36 8.50
CA ASN A 479 -25.41 -18.88 8.09
C ASN A 479 -25.98 -18.23 9.36
N TYR A 480 -26.93 -17.31 9.20
CA TYR A 480 -27.54 -16.65 10.34
C TYR A 480 -29.03 -16.71 10.31
N VAL A 481 -29.55 -17.92 10.33
CA VAL A 481 -30.98 -18.09 10.31
C VAL A 481 -31.56 -17.39 11.53
N ARG A 482 -32.00 -16.15 11.36
CA ARG A 482 -32.62 -15.43 12.46
C ARG A 482 -34.04 -15.93 12.31
N ILE A 483 -34.27 -17.15 12.79
CA ILE A 483 -35.56 -17.83 12.69
C ILE A 483 -36.66 -16.93 13.18
N SER A 484 -36.28 -15.97 14.02
CA SER A 484 -37.26 -15.03 14.53
C SER A 484 -37.90 -14.25 13.44
N ILE A 485 -39.01 -13.65 13.82
CA ILE A 485 -39.71 -12.74 12.97
C ILE A 485 -38.59 -11.72 13.08
N VAL A 486 -37.66 -11.73 12.16
CA VAL A 486 -36.54 -10.80 12.26
C VAL A 486 -37.07 -9.38 12.36
N ASN A 487 -37.88 -9.04 11.38
CA ASN A 487 -38.55 -7.74 11.25
C ASN A 487 -38.42 -6.79 12.46
N ALA A 488 -39.56 -6.46 13.07
CA ALA A 488 -39.62 -5.57 14.23
C ALA A 488 -39.11 -6.26 15.50
N LYS A 489 -38.03 -7.01 15.37
CA LYS A 489 -37.50 -7.68 16.51
C LYS A 489 -36.01 -7.42 16.65
N ASP A 490 -35.22 -7.63 15.60
CA ASP A 490 -33.78 -7.41 15.71
C ASP A 490 -33.36 -5.94 15.69
N ILE A 491 -33.22 -5.32 16.86
CA ILE A 491 -32.82 -3.91 16.96
C ILE A 491 -31.71 -3.69 15.96
N VAL A 492 -30.56 -4.22 16.35
CA VAL A 492 -29.39 -4.20 15.53
C VAL A 492 -29.12 -5.64 15.80
N ALA A 493 -29.40 -6.45 14.79
CA ALA A 493 -29.15 -7.87 14.92
C ALA A 493 -27.65 -7.98 15.12
N LEU A 494 -27.07 -9.10 14.72
CA LEU A 494 -25.67 -9.21 14.97
C LEU A 494 -24.78 -8.02 14.63
N ARG A 495 -23.78 -7.93 15.48
CA ARG A 495 -22.70 -6.97 15.42
C ARG A 495 -21.62 -8.02 15.26
N VAL A 496 -20.59 -7.76 14.47
CA VAL A 496 -19.56 -8.76 14.36
C VAL A 496 -18.23 -8.18 14.79
N CYS A 497 -17.66 -8.81 15.80
CA CYS A 497 -16.38 -8.41 16.37
C CYS A 497 -15.38 -9.49 16.07
N LEU A 498 -14.45 -9.25 15.15
CA LEU A 498 -13.48 -10.29 14.89
C LEU A 498 -12.26 -10.13 15.80
N ARG A 499 -11.91 -11.20 16.49
CA ARG A 499 -10.76 -11.21 17.38
C ARG A 499 -9.68 -12.08 16.73
N PRO A 500 -8.62 -11.44 16.20
CA PRO A 500 -7.51 -12.12 15.54
C PRO A 500 -6.77 -13.05 16.48
N LYS A 501 -6.99 -14.35 16.31
CA LYS A 501 -6.32 -15.34 17.17
C LYS A 501 -4.83 -15.38 16.87
N SER A 502 -4.50 -15.12 15.61
CA SER A 502 -3.13 -15.06 15.11
C SER A 502 -3.21 -15.34 13.64
N ILE A 503 -3.20 -14.26 12.88
CA ILE A 503 -3.28 -14.33 11.45
C ILE A 503 -1.89 -14.08 10.91
N LYS A 504 -1.71 -14.31 9.62
CA LYS A 504 -0.45 -14.08 8.94
C LYS A 504 -0.79 -13.26 7.70
N PHE A 505 0.08 -12.33 7.33
CA PHE A 505 -0.18 -11.49 6.18
C PHE A 505 0.93 -11.60 5.17
N TRP A 506 0.54 -11.66 3.90
CA TRP A 506 1.49 -11.79 2.79
C TRP A 506 1.32 -10.68 1.77
N GLY A 507 2.43 -10.08 1.35
CA GLY A 507 2.39 -9.05 0.34
C GLY A 507 2.16 -7.62 0.76
N ARG A 508 3.17 -6.82 0.47
CA ARG A 508 3.16 -5.39 0.76
C ARG A 508 2.46 -4.72 -0.41
N SER A 509 1.28 -4.15 -0.15
CA SER A 509 0.51 -3.46 -1.18
C SER A 509 -0.37 -2.40 -0.54
N ALA A 510 -1.18 -1.76 -1.37
CA ALA A 510 -2.12 -0.74 -0.93
C ALA A 510 -3.47 -1.08 -1.51
N THR A 511 -4.41 -0.19 -1.28
CA THR A 511 -5.78 -0.31 -1.74
C THR A 511 -6.21 1.14 -1.83
N LEU A 512 -6.43 1.61 -3.05
CA LEU A 512 -6.82 3.01 -3.26
C LEU A 512 -8.35 3.09 -3.38
N PHE A 513 -8.98 4.02 -2.66
CA PHE A 513 -10.45 4.13 -2.69
C PHE A 513 -10.98 5.57 -2.66
#